data_8TR4
#
_entry.id   8TR4
#
_cell.length_a   57.942
_cell.length_b   87.592
_cell.length_c   109.382
_cell.angle_alpha   90.00
_cell.angle_beta   90.00
_cell.angle_gamma   90.00
#
_symmetry.space_group_name_H-M   'P 2 21 21'
#
loop_
_entity.id
_entity.type
_entity.pdbx_description
1 polymer 'Polyketide synthase Pks13'
2 non-polymer 4-(2-{(4M)-4-[(6M)-6-(2,5-dimethoxyphenyl)pyridin-3-yl]-1H-1,2,3-triazol-1-yl}ethyl)-N,N-dimethylbenzamide
3 non-polymer 'SULFATE ION'
4 water water
#
_entity_poly.entity_id   1
_entity_poly.type   'polypeptide(L)'
_entity_poly.pdbx_seq_one_letter_code
;SNAQIDGFVRTLRARPEAGGKVPVFVFHPAGGSTVVYEPLLGRLPADTPMYGFERVEGSIEERAQQYVPKLIEMQGDGPY
VLVGWSLGGVLAYACAIGLRRLGKDVRFVGLIDAVRAGEEIPQTKEEIRKRWDRYAAFAEKTFNVTIPAIPYEQLEELDD
EGQVRFVLDAVSQSGVQIPAGIIEHQRTSYLDNRAIDTAQIQPYDGHVTLYMADRYHDDAIMFEPRYAVRQPDGGWGEYV
SDLEVVPIGGEHIQAIDEPIIAKVGEHMSRALGQIEADRTSEVGKQ
;
_entity_poly.pdbx_strand_id   A,B
#
# COMPACT_ATOMS: atom_id res chain seq x y z
N GLN A 4 -22.12 24.39 -18.99
CA GLN A 4 -20.77 24.01 -18.55
C GLN A 4 -20.68 23.89 -17.03
N ILE A 5 -21.31 24.84 -16.31
CA ILE A 5 -21.56 24.71 -14.88
C ILE A 5 -23.07 24.71 -14.65
N ASP A 6 -23.61 23.64 -14.05
CA ASP A 6 -25.02 23.57 -13.74
C ASP A 6 -25.19 23.21 -12.27
N GLY A 7 -25.53 24.20 -11.45
CA GLY A 7 -25.52 24.05 -10.00
C GLY A 7 -24.12 23.68 -9.51
N PHE A 8 -23.99 22.46 -8.94
CA PHE A 8 -22.70 21.97 -8.48
C PHE A 8 -22.06 20.97 -9.44
N VAL A 9 -22.62 20.80 -10.64
CA VAL A 9 -22.08 19.87 -11.62
C VAL A 9 -21.33 20.63 -12.72
N ARG A 10 -20.04 20.32 -12.86
CA ARG A 10 -19.20 20.87 -13.92
C ARG A 10 -19.02 19.82 -15.02
N THR A 11 -19.28 20.21 -16.27
CA THR A 11 -19.05 19.33 -17.42
C THR A 11 -17.61 19.49 -17.91
N LEU A 12 -16.80 18.44 -17.75
CA LEU A 12 -15.42 18.43 -18.23
C LEU A 12 -15.36 17.84 -19.63
N ARG A 13 -16.12 16.76 -19.85
CA ARG A 13 -16.45 16.33 -21.20
C ARG A 13 -17.87 15.79 -21.20
N ALA A 14 -18.74 16.44 -21.99
CA ALA A 14 -20.13 16.07 -22.11
C ALA A 14 -20.24 14.69 -22.78
N ARG A 15 -21.15 13.87 -22.26
CA ARG A 15 -21.47 12.59 -22.87
C ARG A 15 -22.18 12.85 -24.20
N PRO A 16 -22.13 11.92 -25.17
CA PRO A 16 -22.99 12.01 -26.36
C PRO A 16 -24.47 12.19 -26.01
N GLU A 17 -25.24 12.62 -27.01
CA GLU A 17 -26.65 12.92 -26.85
C GLU A 17 -27.39 11.67 -26.39
N ALA A 18 -27.04 10.53 -27.01
CA ALA A 18 -27.50 9.21 -26.59
C ALA A 18 -26.34 8.22 -26.62
N GLY A 19 -26.46 7.14 -25.84
CA GLY A 19 -25.44 6.10 -25.78
C GLY A 19 -24.08 6.63 -25.32
N GLY A 20 -23.02 6.07 -25.89
CA GLY A 20 -21.65 6.49 -25.59
C GLY A 20 -21.09 5.77 -24.35
N LYS A 21 -19.87 6.16 -23.96
CA LYS A 21 -19.17 5.50 -22.87
C LYS A 21 -19.74 5.88 -21.50
N VAL A 22 -19.41 5.07 -20.49
CA VAL A 22 -19.82 5.30 -19.12
C VAL A 22 -19.11 6.53 -18.60
N PRO A 23 -19.85 7.55 -18.09
CA PRO A 23 -19.21 8.75 -17.54
C PRO A 23 -18.38 8.44 -16.29
N VAL A 24 -17.30 9.21 -16.12
CA VAL A 24 -16.53 9.25 -14.90
C VAL A 24 -16.99 10.47 -14.11
N PHE A 25 -17.51 10.22 -12.90
CA PHE A 25 -17.89 11.30 -12.00
C PHE A 25 -16.71 11.55 -11.06
N VAL A 26 -16.24 12.80 -11.01
CA VAL A 26 -15.14 13.19 -10.15
C VAL A 26 -15.66 14.18 -9.12
N PHE A 27 -14.97 14.26 -7.97
CA PHE A 27 -15.41 15.07 -6.85
C PHE A 27 -14.27 15.97 -6.41
N HIS A 28 -14.62 17.21 -6.06
CA HIS A 28 -13.66 18.29 -5.85
C HIS A 28 -12.79 17.99 -4.63
N PRO A 29 -11.52 18.47 -4.61
CA PRO A 29 -10.71 18.47 -3.39
C PRO A 29 -11.01 19.70 -2.54
N ALA A 30 -10.62 19.68 -1.26
CA ALA A 30 -10.77 20.85 -0.41
C ALA A 30 -9.97 22.02 -0.98
N GLY A 31 -10.65 23.15 -1.16
CA GLY A 31 -10.01 24.38 -1.61
C GLY A 31 -9.86 24.49 -3.12
N GLY A 32 -10.42 23.52 -3.85
CA GLY A 32 -10.23 23.44 -5.29
C GLY A 32 -11.51 23.06 -6.03
N SER A 33 -11.46 23.18 -7.36
CA SER A 33 -12.54 22.75 -8.23
C SER A 33 -12.13 21.45 -8.93
N THR A 34 -13.07 20.86 -9.68
CA THR A 34 -12.80 19.65 -10.41
C THR A 34 -12.04 19.91 -11.73
N VAL A 35 -11.61 21.16 -11.97
CA VAL A 35 -10.65 21.44 -13.04
C VAL A 35 -9.34 20.69 -12.82
N VAL A 36 -9.05 20.30 -11.57
CA VAL A 36 -7.84 19.56 -11.26
C VAL A 36 -7.79 18.19 -11.94
N TYR A 37 -8.95 17.70 -12.40
CA TYR A 37 -9.04 16.40 -13.05
C TYR A 37 -8.86 16.44 -14.56
N GLU A 38 -8.55 17.61 -15.13
CA GLU A 38 -8.30 17.72 -16.56
C GLU A 38 -7.10 16.89 -17.02
N PRO A 39 -5.96 16.88 -16.29
CA PRO A 39 -4.84 16.02 -16.64
C PRO A 39 -5.23 14.54 -16.68
N LEU A 40 -5.99 14.08 -15.69
CA LEU A 40 -6.47 12.72 -15.64
C LEU A 40 -7.35 12.44 -16.88
N LEU A 41 -8.29 13.34 -17.18
CA LEU A 41 -9.13 13.20 -18.36
C LEU A 41 -8.29 12.98 -19.62
N GLY A 42 -7.19 13.74 -19.75
CA GLY A 42 -6.28 13.60 -20.86
C GLY A 42 -5.62 12.22 -20.99
N ARG A 43 -5.58 11.50 -19.87
CA ARG A 43 -5.00 10.16 -19.79
C ARG A 43 -6.03 9.03 -19.83
N LEU A 44 -7.31 9.38 -20.04
CA LEU A 44 -8.38 8.40 -20.13
C LEU A 44 -8.77 8.19 -21.60
N PRO A 45 -9.50 7.11 -21.95
CA PRO A 45 -9.84 6.86 -23.35
C PRO A 45 -10.57 8.03 -23.98
N ALA A 46 -10.33 8.24 -25.26
CA ALA A 46 -11.03 9.25 -26.05
C ALA A 46 -12.54 9.12 -25.85
N ASP A 47 -13.21 10.27 -25.77
CA ASP A 47 -14.66 10.34 -25.68
C ASP A 47 -15.22 9.79 -24.37
N THR A 48 -14.39 9.64 -23.34
CA THR A 48 -14.88 9.30 -22.01
C THR A 48 -15.54 10.53 -21.40
N PRO A 49 -16.87 10.51 -21.10
CA PRO A 49 -17.50 11.66 -20.47
C PRO A 49 -16.95 11.82 -19.06
N MET A 50 -16.89 13.07 -18.59
CA MET A 50 -16.49 13.33 -17.22
C MET A 50 -17.27 14.54 -16.70
N TYR A 51 -17.88 14.34 -15.53
CA TYR A 51 -18.64 15.37 -14.84
C TYR A 51 -18.04 15.53 -13.45
N GLY A 52 -17.83 16.78 -13.04
CA GLY A 52 -17.26 17.09 -11.73
C GLY A 52 -18.33 17.58 -10.76
N PHE A 53 -18.30 17.05 -9.53
CA PHE A 53 -19.20 17.48 -8.47
C PHE A 53 -18.45 18.44 -7.57
N GLU A 54 -18.96 19.67 -7.51
CA GLU A 54 -18.33 20.77 -6.82
C GLU A 54 -18.91 20.87 -5.41
N ARG A 55 -18.37 21.83 -4.65
CA ARG A 55 -18.60 21.95 -3.23
C ARG A 55 -20.06 22.20 -2.85
N VAL A 56 -20.51 21.50 -1.80
CA VAL A 56 -21.79 21.77 -1.15
C VAL A 56 -21.57 21.72 0.36
N GLU A 57 -22.54 22.21 1.14
CA GLU A 57 -22.39 22.34 2.58
C GLU A 57 -22.79 21.07 3.32
N GLY A 58 -22.18 20.88 4.49
CA GLY A 58 -22.60 19.88 5.45
C GLY A 58 -21.49 18.91 5.82
N SER A 59 -21.84 17.93 6.67
CA SER A 59 -20.99 16.78 6.90
C SER A 59 -20.77 16.02 5.60
N ILE A 60 -19.82 15.08 5.60
CA ILE A 60 -19.58 14.25 4.44
C ILE A 60 -20.88 13.57 3.99
N GLU A 61 -21.61 13.04 4.97
CA GLU A 61 -22.84 12.31 4.74
C GLU A 61 -23.90 13.22 4.12
N GLU A 62 -24.04 14.44 4.65
CA GLU A 62 -24.97 15.42 4.12
C GLU A 62 -24.62 15.90 2.71
N ARG A 63 -23.32 15.92 2.38
CA ARG A 63 -22.89 16.25 1.03
C ARG A 63 -23.29 15.16 0.05
N ALA A 64 -23.07 13.90 0.43
CA ALA A 64 -23.48 12.77 -0.40
C ALA A 64 -24.99 12.67 -0.56
N GLN A 65 -25.76 13.12 0.45
CA GLN A 65 -27.20 13.17 0.35
C GLN A 65 -27.70 14.14 -0.72
N GLN A 66 -26.89 15.17 -1.04
CA GLN A 66 -27.19 16.10 -2.13
C GLN A 66 -26.68 15.58 -3.46
N TYR A 67 -25.49 14.95 -3.46
CA TYR A 67 -24.88 14.43 -4.67
C TYR A 67 -25.62 13.23 -5.27
N VAL A 68 -26.08 12.32 -4.41
CA VAL A 68 -26.59 11.03 -4.85
C VAL A 68 -27.84 11.17 -5.72
N PRO A 69 -28.85 11.98 -5.34
CA PRO A 69 -29.99 12.25 -6.22
C PRO A 69 -29.61 12.79 -7.60
N LYS A 70 -28.58 13.65 -7.64
CA LYS A 70 -28.12 14.21 -8.91
C LYS A 70 -27.44 13.15 -9.77
N LEU A 71 -26.62 12.30 -9.13
CA LEU A 71 -25.99 11.19 -9.81
C LEU A 71 -27.03 10.30 -10.51
N ILE A 72 -28.11 9.98 -9.79
CA ILE A 72 -29.13 9.09 -10.30
C ILE A 72 -29.95 9.74 -11.42
N GLU A 73 -30.23 11.04 -11.25
CA GLU A 73 -30.85 11.84 -12.29
C GLU A 73 -30.04 11.73 -13.59
N MET A 74 -28.72 11.74 -13.48
CA MET A 74 -27.84 11.79 -14.64
C MET A 74 -27.60 10.42 -15.26
N GLN A 75 -27.45 9.38 -14.43
CA GLN A 75 -26.96 8.08 -14.86
C GLN A 75 -27.92 6.92 -14.55
N GLY A 76 -29.01 7.21 -13.84
CA GLY A 76 -30.04 6.21 -13.55
C GLY A 76 -29.52 4.97 -12.83
N ASP A 77 -29.70 3.79 -13.43
CA ASP A 77 -29.36 2.55 -12.76
C ASP A 77 -27.86 2.27 -12.64
N GLY A 78 -27.03 3.03 -13.36
CA GLY A 78 -25.61 2.75 -13.47
C GLY A 78 -25.30 2.34 -14.90
N PRO A 79 -24.08 1.90 -15.24
CA PRO A 79 -22.97 1.77 -14.29
C PRO A 79 -22.46 3.10 -13.73
N TYR A 80 -22.01 3.07 -12.48
CA TYR A 80 -21.40 4.22 -11.83
C TYR A 80 -19.89 4.04 -11.69
N VAL A 81 -19.17 5.05 -12.13
CA VAL A 81 -17.72 5.14 -11.96
C VAL A 81 -17.48 6.42 -11.16
N LEU A 82 -16.90 6.27 -9.96
CA LEU A 82 -16.76 7.37 -9.03
C LEU A 82 -15.28 7.52 -8.68
N VAL A 83 -14.76 8.74 -8.83
CA VAL A 83 -13.33 8.99 -8.69
C VAL A 83 -13.10 10.27 -7.91
N GLY A 84 -12.10 10.25 -7.02
CA GLY A 84 -11.73 11.46 -6.31
C GLY A 84 -10.33 11.41 -5.69
N TRP A 85 -9.67 12.56 -5.77
CA TRP A 85 -8.42 12.85 -5.08
C TRP A 85 -8.72 13.64 -3.81
N SER A 86 -8.01 13.30 -2.72
CA SER A 86 -8.04 14.08 -1.50
C SER A 86 -9.45 13.99 -0.93
N LEU A 87 -10.03 15.10 -0.48
CA LEU A 87 -11.42 15.11 -0.05
C LEU A 87 -12.35 14.45 -1.07
N GLY A 88 -12.07 14.68 -2.36
CA GLY A 88 -12.85 14.10 -3.44
C GLY A 88 -12.99 12.58 -3.38
N GLY A 89 -11.94 11.90 -2.90
CA GLY A 89 -11.95 10.46 -2.70
C GLY A 89 -12.98 10.04 -1.64
N VAL A 90 -13.05 10.80 -0.55
CA VAL A 90 -13.98 10.56 0.53
C VAL A 90 -15.41 10.79 0.08
N LEU A 91 -15.63 11.85 -0.71
CA LEU A 91 -16.93 12.15 -1.28
C LEU A 91 -17.38 11.06 -2.25
N ALA A 92 -16.45 10.60 -3.13
CA ALA A 92 -16.73 9.52 -4.05
C ALA A 92 -17.19 8.26 -3.33
N TYR A 93 -16.44 7.87 -2.28
CA TYR A 93 -16.75 6.70 -1.49
C TYR A 93 -18.10 6.84 -0.80
N ALA A 94 -18.35 8.02 -0.21
CA ALA A 94 -19.62 8.29 0.45
C ALA A 94 -20.79 8.16 -0.52
N CYS A 95 -20.59 8.60 -1.77
CA CYS A 95 -21.60 8.44 -2.80
C CYS A 95 -21.79 6.98 -3.19
N ALA A 96 -20.67 6.23 -3.28
CA ALA A 96 -20.75 4.81 -3.58
C ALA A 96 -21.62 4.08 -2.54
N ILE A 97 -21.41 4.39 -1.25
CA ILE A 97 -22.21 3.82 -0.18
C ILE A 97 -23.70 4.11 -0.39
N GLY A 98 -24.03 5.38 -0.66
CA GLY A 98 -25.42 5.79 -0.81
C GLY A 98 -26.07 5.16 -2.03
N LEU A 99 -25.32 5.06 -3.13
CA LEU A 99 -25.83 4.46 -4.35
C LEU A 99 -26.13 2.98 -4.14
N ARG A 100 -25.26 2.28 -3.40
CA ARG A 100 -25.46 0.86 -3.14
C ARG A 100 -26.69 0.61 -2.28
N ARG A 101 -26.92 1.46 -1.28
CA ARG A 101 -28.15 1.38 -0.49
C ARG A 101 -29.40 1.46 -1.34
N LEU A 102 -29.32 2.17 -2.47
CA LEU A 102 -30.46 2.32 -3.38
C LEU A 102 -30.47 1.27 -4.49
N GLY A 103 -29.58 0.27 -4.41
CA GLY A 103 -29.55 -0.85 -5.35
C GLY A 103 -28.86 -0.53 -6.67
N LYS A 104 -28.11 0.59 -6.73
CA LYS A 104 -27.48 1.02 -7.97
C LYS A 104 -26.18 0.25 -8.22
N ASP A 105 -25.81 0.17 -9.51
CA ASP A 105 -24.69 -0.63 -9.97
C ASP A 105 -23.42 0.21 -9.99
N VAL A 106 -22.67 0.18 -8.89
CA VAL A 106 -21.39 0.85 -8.80
C VAL A 106 -20.29 -0.13 -9.23
N ARG A 107 -19.58 0.21 -10.31
CA ARG A 107 -18.62 -0.70 -10.91
C ARG A 107 -17.15 -0.34 -10.63
N PHE A 108 -16.89 0.94 -10.35
CA PHE A 108 -15.53 1.39 -10.05
C PHE A 108 -15.53 2.56 -9.08
N VAL A 109 -14.74 2.45 -8.00
CA VAL A 109 -14.45 3.55 -7.11
C VAL A 109 -12.94 3.75 -7.13
N GLY A 110 -12.52 4.93 -7.58
CA GLY A 110 -11.10 5.25 -7.73
C GLY A 110 -10.70 6.33 -6.74
N LEU A 111 -9.87 5.94 -5.74
CA LEU A 111 -9.44 6.83 -4.70
C LEU A 111 -7.99 7.24 -4.99
N ILE A 112 -7.78 8.52 -5.29
CA ILE A 112 -6.44 8.98 -5.60
C ILE A 112 -5.85 9.53 -4.31
N ASP A 113 -5.05 8.68 -3.66
CA ASP A 113 -4.36 8.96 -2.40
C ASP A 113 -5.24 9.63 -1.34
N ALA A 114 -6.51 9.18 -1.26
CA ALA A 114 -7.39 9.58 -0.16
C ALA A 114 -7.10 8.64 1.00
N VAL A 115 -6.19 9.07 1.88
CA VAL A 115 -5.58 8.19 2.86
C VAL A 115 -5.87 8.65 4.29
N ARG A 116 -6.29 7.71 5.14
CA ARG A 116 -6.62 8.01 6.52
C ARG A 116 -5.39 8.47 7.29
N ALA A 117 -5.61 9.35 8.27
CA ALA A 117 -4.58 9.69 9.24
C ALA A 117 -4.11 8.42 9.96
N GLY A 118 -2.82 8.39 10.33
CA GLY A 118 -2.23 7.27 11.05
C GLY A 118 -2.88 6.98 12.39
N GLU A 119 -3.54 7.99 12.96
CA GLU A 119 -4.35 7.83 14.16
C GLU A 119 -5.58 8.72 14.06
N GLU A 120 -6.64 8.35 14.79
CA GLU A 120 -7.90 9.08 14.77
C GLU A 120 -7.73 10.49 15.33
N ILE A 121 -8.47 11.46 14.77
CA ILE A 121 -8.42 12.81 15.27
C ILE A 121 -9.41 12.88 16.44
N PRO A 122 -8.95 13.09 17.70
CA PRO A 122 -9.88 13.16 18.83
C PRO A 122 -10.85 14.34 18.65
N GLN A 123 -12.10 14.13 19.04
CA GLN A 123 -13.14 15.14 18.98
C GLN A 123 -13.39 15.64 20.40
N THR A 124 -12.35 16.25 20.97
CA THR A 124 -12.33 16.61 22.38
C THR A 124 -11.92 18.07 22.51
N LYS A 125 -12.31 18.65 23.65
CA LYS A 125 -11.94 20.01 23.99
C LYS A 125 -10.42 20.16 24.05
N GLU A 126 -9.75 19.16 24.64
CA GLU A 126 -8.30 19.14 24.71
C GLU A 126 -7.64 19.24 23.34
N GLU A 127 -8.16 18.48 22.37
CA GLU A 127 -7.62 18.48 21.02
C GLU A 127 -7.84 19.82 20.32
N ILE A 128 -9.03 20.41 20.52
CA ILE A 128 -9.32 21.73 19.96
CA ILE A 128 -9.32 21.73 19.95
C ILE A 128 -8.31 22.74 20.52
N ARG A 129 -8.14 22.72 21.85
CA ARG A 129 -7.14 23.58 22.51
C ARG A 129 -5.77 23.40 21.87
N LYS A 130 -5.31 22.15 21.78
CA LYS A 130 -3.97 21.85 21.28
C LYS A 130 -3.75 22.29 19.84
N ARG A 131 -4.77 22.09 19.01
CA ARG A 131 -4.73 22.46 17.60
C ARG A 131 -4.54 23.97 17.40
N TRP A 132 -5.37 24.77 18.07
CA TRP A 132 -5.31 26.21 17.94
C TRP A 132 -4.09 26.83 18.60
N ASP A 133 -3.57 26.22 19.67
CA ASP A 133 -2.29 26.61 20.21
C ASP A 133 -1.19 26.44 19.16
N ARG A 134 -1.18 25.31 18.47
CA ARG A 134 -0.22 25.11 17.39
C ARG A 134 -0.36 26.17 16.30
N TYR A 135 -1.59 26.38 15.82
CA TYR A 135 -1.87 27.33 14.76
C TYR A 135 -1.55 28.76 15.18
N ALA A 136 -1.90 29.10 16.42
CA ALA A 136 -1.60 30.39 17.00
C ALA A 136 -0.11 30.69 17.01
N ALA A 137 0.72 29.71 17.40
CA ALA A 137 2.16 29.87 17.39
C ALA A 137 2.72 30.14 15.98
N PHE A 138 2.16 29.44 14.97
CA PHE A 138 2.52 29.70 13.58
C PHE A 138 2.07 31.09 13.13
N ALA A 139 0.90 31.52 13.57
CA ALA A 139 0.34 32.82 13.22
C ALA A 139 1.15 33.98 13.80
N GLU A 140 1.86 33.75 14.92
CA GLU A 140 2.76 34.74 15.48
C GLU A 140 3.85 35.13 14.49
N LYS A 141 4.57 34.11 13.98
CA LYS A 141 5.61 34.32 12.99
C LYS A 141 5.06 35.08 11.79
N THR A 142 3.79 34.82 11.45
CA THR A 142 3.08 35.54 10.40
C THR A 142 2.72 36.93 10.93
N PHE A 143 1.44 37.32 10.82
CA PHE A 143 1.07 38.72 10.95
C PHE A 143 1.00 39.18 12.42
N ASN A 144 2.16 39.57 12.96
CA ASN A 144 2.27 40.08 14.32
C ASN A 144 0.97 40.60 14.91
N THR A 146 2.58 38.75 19.39
CA THR A 146 2.00 38.14 20.59
C THR A 146 0.48 38.05 20.45
N ILE A 147 -0.03 36.85 20.19
CA ILE A 147 -1.45 36.59 20.22
C ILE A 147 -1.88 36.55 21.69
N PRO A 148 -3.05 37.14 22.06
CA PRO A 148 -3.56 36.99 23.42
C PRO A 148 -4.08 35.58 23.68
N ALA A 149 -3.85 35.08 24.90
CA ALA A 149 -4.20 33.72 25.28
C ALA A 149 -5.58 33.35 24.76
N ILE A 150 -5.59 32.66 23.60
CA ILE A 150 -6.77 32.00 23.05
C ILE A 150 -7.88 31.78 24.06
N PRO A 151 -9.10 32.35 23.87
CA PRO A 151 -10.21 32.08 24.79
C PRO A 151 -10.83 30.71 24.50
N TYR A 152 -10.18 29.68 25.07
CA TYR A 152 -10.51 28.28 24.81
C TYR A 152 -11.97 27.99 25.15
N GLU A 153 -12.46 28.59 26.23
CA GLU A 153 -13.77 28.29 26.78
C GLU A 153 -14.90 28.46 25.77
N GLN A 154 -14.81 29.50 24.93
CA GLN A 154 -15.73 29.69 23.82
C GLN A 154 -15.39 28.75 22.66
N LEU A 155 -14.09 28.64 22.37
CA LEU A 155 -13.61 27.84 21.25
C LEU A 155 -14.00 26.37 21.31
N GLU A 156 -13.80 25.74 22.48
CA GLU A 156 -13.85 24.30 22.60
C GLU A 156 -15.26 23.71 22.48
N GLU A 157 -16.29 24.56 22.61
CA GLU A 157 -17.68 24.14 22.45
C GLU A 157 -18.25 24.38 21.04
N LEU A 158 -17.39 24.78 20.09
CA LEU A 158 -17.80 25.07 18.73
C LEU A 158 -17.33 23.97 17.76
N ASP A 159 -18.09 23.79 16.68
CA ASP A 159 -17.66 22.94 15.58
C ASP A 159 -16.58 23.68 14.77
N ASP A 160 -16.11 23.06 13.70
CA ASP A 160 -14.97 23.60 12.97
C ASP A 160 -15.32 24.95 12.36
N GLU A 161 -16.54 25.08 11.82
CA GLU A 161 -17.04 26.33 11.26
C GLU A 161 -17.04 27.46 12.29
N GLY A 162 -17.65 27.20 13.44
CA GLY A 162 -17.71 28.16 14.52
C GLY A 162 -16.34 28.52 15.10
N GLN A 163 -15.42 27.55 15.17
CA GLN A 163 -14.05 27.80 15.58
C GLN A 163 -13.39 28.84 14.68
N VAL A 164 -13.47 28.61 13.37
CA VAL A 164 -12.92 29.49 12.36
C VAL A 164 -13.61 30.86 12.39
N ARG A 165 -14.94 30.87 12.54
CA ARG A 165 -15.71 32.10 12.65
C ARG A 165 -15.29 32.92 13.87
N PHE A 166 -15.14 32.25 15.01
CA PHE A 166 -14.72 32.91 16.24
C PHE A 166 -13.33 33.52 16.07
N VAL A 167 -12.41 32.78 15.44
CA VAL A 167 -11.04 33.25 15.24
C VAL A 167 -10.97 34.39 14.22
N LEU A 168 -11.71 34.26 13.10
CA LEU A 168 -11.82 35.32 12.11
C LEU A 168 -12.42 36.60 12.67
N ASP A 169 -13.36 36.45 13.62
CA ASP A 169 -13.96 37.59 14.30
C ASP A 169 -12.97 38.23 15.27
N ALA A 170 -12.11 37.42 15.90
CA ALA A 170 -11.09 37.94 16.80
C ALA A 170 -10.08 38.77 16.01
N VAL A 171 -9.65 38.24 14.87
CA VAL A 171 -8.73 38.92 13.96
C VAL A 171 -9.33 40.23 13.45
N SER A 172 -10.58 40.18 12.99
CA SER A 172 -11.29 41.35 12.46
C SER A 172 -11.39 42.49 13.48
N GLN A 173 -11.83 42.15 14.69
CA GLN A 173 -11.99 43.13 15.75
C GLN A 173 -10.65 43.63 16.30
N SER A 174 -9.57 42.87 16.07
CA SER A 174 -8.23 43.29 16.47
C SER A 174 -7.58 44.28 15.48
N GLY A 175 -8.20 44.47 14.31
CA GLY A 175 -7.81 45.52 13.38
C GLY A 175 -7.52 45.05 11.96
N VAL A 176 -7.09 43.79 11.81
CA VAL A 176 -6.69 43.25 10.52
C VAL A 176 -7.91 42.95 9.67
N GLN A 177 -8.00 43.59 8.49
CA GLN A 177 -9.07 43.33 7.53
C GLN A 177 -8.59 42.46 6.38
N ILE A 178 -9.08 41.20 6.33
CA ILE A 178 -8.61 40.26 5.34
C ILE A 178 -9.56 40.31 4.14
N PRO A 179 -9.03 40.43 2.90
CA PRO A 179 -9.88 40.35 1.71
C PRO A 179 -10.77 39.12 1.75
N ALA A 180 -12.06 39.33 1.44
CA ALA A 180 -13.05 38.27 1.48
C ALA A 180 -12.63 37.07 0.64
N GLY A 181 -11.99 37.32 -0.50
CA GLY A 181 -11.51 36.26 -1.38
C GLY A 181 -10.47 35.35 -0.74
N ILE A 182 -9.58 35.93 0.08
CA ILE A 182 -8.59 35.17 0.83
C ILE A 182 -9.27 34.40 1.95
N ILE A 183 -10.13 35.09 2.71
CA ILE A 183 -10.92 34.44 3.74
C ILE A 183 -11.58 33.19 3.16
N GLU A 184 -12.28 33.34 2.04
CA GLU A 184 -13.04 32.26 1.42
C GLU A 184 -12.17 31.08 0.98
N HIS A 185 -11.02 31.34 0.33
CA HIS A 185 -10.17 30.25 -0.09
C HIS A 185 -9.63 29.50 1.14
N GLN A 186 -9.18 30.25 2.16
CA GLN A 186 -8.57 29.64 3.32
C GLN A 186 -9.59 28.88 4.16
N ARG A 187 -10.74 29.55 4.32
CA ARG A 187 -11.82 29.05 5.14
C ARG A 187 -12.32 27.71 4.59
N THR A 188 -12.66 27.66 3.30
CA THR A 188 -13.28 26.45 2.75
C THR A 188 -12.27 25.32 2.67
N SER A 189 -11.03 25.65 2.28
CA SER A 189 -9.96 24.67 2.28
CA SER A 189 -9.96 24.67 2.28
C SER A 189 -9.80 24.04 3.66
N TYR A 190 -9.76 24.88 4.70
CA TYR A 190 -9.62 24.39 6.05
C TYR A 190 -10.81 23.53 6.47
N LEU A 191 -12.02 24.05 6.33
CA LEU A 191 -13.21 23.37 6.84
C LEU A 191 -13.55 22.13 6.04
N ASP A 192 -13.35 22.18 4.72
CA ASP A 192 -13.67 21.02 3.88
C ASP A 192 -12.74 19.86 4.20
N ASN A 193 -11.46 20.14 4.48
CA ASN A 193 -10.55 19.09 4.94
C ASN A 193 -10.87 18.58 6.35
N ARG A 194 -11.29 19.46 7.26
CA ARG A 194 -11.65 19.06 8.62
C ARG A 194 -12.90 18.18 8.67
N ALA A 195 -13.81 18.37 7.69
CA ALA A 195 -15.03 17.59 7.62
C ALA A 195 -14.71 16.09 7.52
N ILE A 196 -13.54 15.77 6.95
CA ILE A 196 -13.10 14.39 6.80
C ILE A 196 -12.90 13.66 8.13
N ASP A 197 -12.45 14.40 9.16
CA ASP A 197 -12.08 13.82 10.45
C ASP A 197 -13.22 13.06 11.12
N THR A 198 -14.46 13.46 10.85
CA THR A 198 -15.63 12.81 11.41
C THR A 198 -16.50 12.10 10.36
N ALA A 199 -15.92 11.81 9.20
CA ALA A 199 -16.63 11.03 8.20
C ALA A 199 -17.05 9.68 8.80
N GLN A 200 -18.29 9.27 8.53
CA GLN A 200 -18.80 7.99 9.00
C GLN A 200 -18.62 6.99 7.89
N ILE A 201 -17.41 6.41 7.81
CA ILE A 201 -17.08 5.49 6.74
C ILE A 201 -17.72 4.13 7.03
N GLN A 202 -18.55 3.66 6.07
CA GLN A 202 -19.21 2.37 6.15
C GLN A 202 -18.48 1.32 5.29
N PRO A 203 -18.65 0.02 5.57
CA PRO A 203 -18.09 -1.00 4.66
C PRO A 203 -18.78 -0.97 3.30
N TYR A 204 -18.01 -1.28 2.26
CA TYR A 204 -18.48 -1.23 0.88
C TYR A 204 -18.26 -2.60 0.23
N ASP A 205 -19.25 -3.06 -0.55
CA ASP A 205 -19.27 -4.41 -1.09
C ASP A 205 -18.64 -4.57 -2.48
N GLY A 206 -18.19 -3.47 -3.09
CA GLY A 206 -17.68 -3.49 -4.45
C GLY A 206 -16.18 -3.24 -4.59
N HIS A 207 -15.75 -3.06 -5.85
CA HIS A 207 -14.35 -2.85 -6.18
C HIS A 207 -13.93 -1.42 -5.87
N VAL A 208 -12.80 -1.28 -5.17
CA VAL A 208 -12.16 0.01 -4.99
C VAL A 208 -10.69 -0.14 -5.43
N THR A 209 -10.23 0.80 -6.26
CA THR A 209 -8.80 1.01 -6.46
C THR A 209 -8.34 2.23 -5.66
N LEU A 210 -7.36 2.02 -4.78
CA LEU A 210 -6.65 3.11 -4.11
C LEU A 210 -5.32 3.34 -4.82
N TYR A 211 -5.16 4.50 -5.45
CA TYR A 211 -3.88 4.93 -6.01
C TYR A 211 -3.05 5.55 -4.88
N MET A 212 -2.01 4.82 -4.46
CA MET A 212 -1.36 5.05 -3.19
C MET A 212 -0.01 5.76 -3.36
N ALA A 213 0.01 7.03 -2.96
CA ALA A 213 1.24 7.82 -2.95
C ALA A 213 2.12 7.28 -1.82
N ASP A 214 3.34 7.77 -1.75
CA ASP A 214 4.26 7.33 -0.71
C ASP A 214 3.97 8.01 0.63
N ARG A 215 3.55 9.28 0.61
CA ARG A 215 3.39 10.08 1.82
C ARG A 215 2.56 11.34 1.63
N TYR A 216 2.05 11.88 2.74
CA TYR A 216 1.47 13.22 2.74
C TYR A 216 2.58 14.26 2.66
N HIS A 217 2.33 15.30 1.85
CA HIS A 217 3.20 16.47 1.77
C HIS A 217 3.20 17.24 3.10
N ASP A 218 4.23 18.06 3.29
CA ASP A 218 4.47 18.72 4.56
C ASP A 218 3.34 19.65 5.03
N ASP A 219 2.69 20.33 4.10
CA ASP A 219 1.63 21.26 4.47
C ASP A 219 0.44 20.55 5.10
N ALA A 220 0.12 19.34 4.61
CA ALA A 220 -0.95 18.53 5.17
C ALA A 220 -0.61 18.09 6.60
N ILE A 221 0.67 17.80 6.82
CA ILE A 221 1.18 17.39 8.13
C ILE A 221 1.14 18.56 9.11
N MET A 222 1.44 19.77 8.62
CA MET A 222 1.34 20.97 9.44
C MET A 222 -0.12 21.30 9.79
N PHE A 223 -1.02 21.12 8.83
CA PHE A 223 -2.46 21.22 9.09
C PHE A 223 -2.91 20.21 10.14
N GLU A 224 -2.48 18.95 9.99
CA GLU A 224 -2.82 17.88 10.91
C GLU A 224 -1.67 16.87 11.02
N PRO A 225 -0.88 16.92 12.13
CA PRO A 225 0.30 16.07 12.30
C PRO A 225 0.09 14.56 12.14
N ARG A 226 -1.11 14.06 12.46
CA ARG A 226 -1.38 12.64 12.37
C ARG A 226 -1.33 12.09 10.94
N TYR A 227 -1.23 12.98 9.95
CA TYR A 227 -1.01 12.56 8.57
C TYR A 227 0.45 12.20 8.29
N ALA A 228 1.32 12.41 9.28
CA ALA A 228 2.73 12.07 9.17
C ALA A 228 2.95 10.58 8.99
N VAL A 229 2.06 9.77 9.57
CA VAL A 229 2.09 8.32 9.46
C VAL A 229 0.89 7.82 8.66
N ARG A 230 1.13 6.90 7.72
CA ARG A 230 0.06 6.25 6.99
C ARG A 230 0.30 4.74 6.95
N GLN A 231 -0.79 3.98 6.85
CA GLN A 231 -0.74 2.53 6.73
C GLN A 231 -0.69 2.14 5.25
N PRO A 232 -0.10 0.96 4.91
CA PRO A 232 -0.01 0.53 3.51
C PRO A 232 -1.33 0.53 2.74
N ASP A 233 -2.46 0.26 3.42
CA ASP A 233 -3.76 0.24 2.77
C ASP A 233 -4.53 1.55 2.86
N GLY A 234 -3.89 2.58 3.45
CA GLY A 234 -4.54 3.86 3.67
C GLY A 234 -5.77 3.83 4.58
N GLY A 235 -5.87 2.78 5.41
CA GLY A 235 -7.00 2.61 6.32
C GLY A 235 -8.24 1.93 5.73
N TRP A 236 -8.19 1.57 4.44
CA TRP A 236 -9.39 1.14 3.72
C TRP A 236 -9.67 -0.35 3.83
N GLY A 237 -8.65 -1.12 4.22
CA GLY A 237 -8.73 -2.57 4.28
C GLY A 237 -9.93 -3.08 5.08
N GLU A 238 -10.17 -2.50 6.27
CA GLU A 238 -11.25 -2.98 7.12
C GLU A 238 -12.64 -2.66 6.57
N TYR A 239 -12.71 -1.72 5.62
CA TYR A 239 -13.97 -1.30 5.01
C TYR A 239 -14.22 -1.93 3.65
N VAL A 240 -13.15 -2.30 2.94
CA VAL A 240 -13.26 -2.74 1.56
C VAL A 240 -12.59 -4.11 1.41
N SER A 241 -13.42 -5.15 1.27
CA SER A 241 -12.94 -6.49 1.01
C SER A 241 -12.24 -6.58 -0.34
N ASP A 242 -12.87 -6.05 -1.38
CA ASP A 242 -12.34 -6.08 -2.74
C ASP A 242 -11.52 -4.82 -3.02
N LEU A 243 -10.39 -4.70 -2.32
CA LEU A 243 -9.52 -3.53 -2.40
C LEU A 243 -8.26 -3.86 -3.21
N GLU A 244 -8.02 -3.05 -4.25
CA GLU A 244 -6.79 -3.11 -5.03
C GLU A 244 -6.03 -1.81 -4.76
N VAL A 245 -4.72 -1.93 -4.53
CA VAL A 245 -3.85 -0.77 -4.40
C VAL A 245 -2.90 -0.70 -5.59
N VAL A 246 -2.83 0.50 -6.20
CA VAL A 246 -1.86 0.79 -7.24
C VAL A 246 -0.85 1.80 -6.69
N PRO A 247 0.38 1.40 -6.30
CA PRO A 247 1.39 2.34 -5.84
C PRO A 247 1.81 3.31 -6.95
N ILE A 248 1.82 4.60 -6.64
CA ILE A 248 2.19 5.64 -7.59
C ILE A 248 3.36 6.50 -7.12
N GLY A 249 3.81 6.30 -5.87
CA GLY A 249 4.94 7.04 -5.33
C GLY A 249 4.63 8.52 -5.09
N GLY A 250 5.66 9.28 -4.70
CA GLY A 250 5.54 10.72 -4.54
C GLY A 250 4.63 11.13 -3.38
N GLU A 251 4.24 12.40 -3.37
CA GLU A 251 3.46 13.00 -2.31
C GLU A 251 2.01 13.17 -2.72
N HIS A 252 1.11 13.23 -1.71
CA HIS A 252 -0.31 13.43 -1.92
C HIS A 252 -0.55 14.54 -2.93
N ILE A 253 0.02 15.72 -2.69
CA ILE A 253 -0.20 16.90 -3.51
C ILE A 253 0.12 16.70 -5.00
N GLN A 254 1.11 15.85 -5.32
CA GLN A 254 1.53 15.58 -6.68
C GLN A 254 0.71 14.51 -7.40
N ALA A 255 -0.13 13.78 -6.66
CA ALA A 255 -0.81 12.62 -7.19
C ALA A 255 -1.77 12.96 -8.33
N ILE A 256 -2.29 14.19 -8.30
CA ILE A 256 -3.29 14.66 -9.24
C ILE A 256 -2.71 15.22 -10.54
N ASP A 257 -1.39 15.45 -10.55
CA ASP A 257 -0.73 16.09 -11.68
C ASP A 257 0.14 15.14 -12.48
N GLU A 258 0.45 15.56 -13.72
CA GLU A 258 1.50 14.96 -14.51
C GLU A 258 2.82 15.10 -13.75
N PRO A 259 3.78 14.14 -13.84
CA PRO A 259 3.61 12.92 -14.64
C PRO A 259 2.91 11.74 -13.94
N ILE A 260 2.75 11.82 -12.62
CA ILE A 260 2.19 10.72 -11.84
C ILE A 260 0.78 10.32 -12.29
N ILE A 261 -0.03 11.30 -12.71
CA ILE A 261 -1.41 11.02 -13.09
C ILE A 261 -1.50 10.11 -14.32
N ALA A 262 -0.41 10.06 -15.12
CA ALA A 262 -0.30 9.12 -16.21
C ALA A 262 -0.42 7.67 -15.75
N LYS A 263 0.15 7.37 -14.58
CA LYS A 263 0.10 6.04 -13.99
C LYS A 263 -1.32 5.69 -13.53
N VAL A 264 -1.97 6.67 -12.90
CA VAL A 264 -3.37 6.56 -12.53
C VAL A 264 -4.25 6.31 -13.77
N GLY A 265 -4.06 7.14 -14.80
CA GLY A 265 -4.91 7.11 -15.98
C GLY A 265 -4.75 5.83 -16.80
N GLU A 266 -3.52 5.35 -16.89
CA GLU A 266 -3.19 4.13 -17.61
C GLU A 266 -3.90 2.93 -16.99
N HIS A 267 -3.90 2.86 -15.66
CA HIS A 267 -4.56 1.78 -14.94
C HIS A 267 -6.07 1.93 -15.03
N MET A 268 -6.58 3.15 -14.81
CA MET A 268 -8.00 3.43 -14.79
C MET A 268 -8.61 3.23 -16.18
N SER A 269 -7.82 3.50 -17.23
CA SER A 269 -8.25 3.26 -18.60
C SER A 269 -8.54 1.80 -18.88
N ARG A 270 -7.72 0.89 -18.32
CA ARG A 270 -7.96 -0.54 -18.45
C ARG A 270 -9.25 -0.95 -17.75
N ALA A 271 -9.47 -0.43 -16.54
CA ALA A 271 -10.70 -0.69 -15.81
C ALA A 271 -11.92 -0.21 -16.60
N LEU A 272 -11.83 0.99 -17.18
CA LEU A 272 -12.93 1.53 -17.98
C LEU A 272 -13.16 0.66 -19.21
N GLY A 273 -12.06 0.26 -19.87
CA GLY A 273 -12.11 -0.64 -21.02
C GLY A 273 -12.83 -1.96 -20.75
N GLN A 274 -12.57 -2.53 -19.56
CA GLN A 274 -13.24 -3.75 -19.15
C GLN A 274 -14.74 -3.50 -18.91
N ILE A 275 -15.08 -2.36 -18.30
CA ILE A 275 -16.48 -2.01 -18.07
C ILE A 275 -17.22 -1.88 -19.40
N GLU A 276 -16.57 -1.25 -20.39
CA GLU A 276 -17.17 -1.02 -21.70
C GLU A 276 -17.36 -2.31 -22.49
N ALA A 277 -16.38 -3.22 -22.39
CA ALA A 277 -16.49 -4.54 -23.02
C ALA A 277 -17.65 -5.33 -22.43
N ASP A 278 -17.78 -5.31 -21.10
CA ASP A 278 -18.81 -6.06 -20.40
C ASP A 278 -20.23 -5.63 -20.75
N ARG A 279 -20.42 -4.35 -21.14
CA ARG A 279 -21.73 -3.83 -21.44
C ARG A 279 -22.38 -4.44 -22.67
N THR A 280 -21.61 -5.19 -23.48
CA THR A 280 -22.18 -6.14 -24.41
C THR A 280 -22.45 -7.48 -23.69
N GLN B 4 8.91 -36.94 -3.20
CA GLN B 4 9.20 -36.13 -2.01
C GLN B 4 10.16 -34.99 -2.34
N ILE B 5 11.46 -35.16 -2.03
CA ILE B 5 12.50 -34.17 -2.30
C ILE B 5 13.58 -34.76 -3.20
N ASP B 6 13.93 -34.01 -4.24
CA ASP B 6 15.03 -34.34 -5.13
C ASP B 6 16.00 -33.16 -5.18
N GLY B 7 17.15 -33.33 -4.52
CA GLY B 7 18.11 -32.24 -4.37
C GLY B 7 17.48 -31.15 -3.52
N PHE B 8 17.26 -29.96 -4.12
CA PHE B 8 16.60 -28.87 -3.41
C PHE B 8 15.16 -28.66 -3.88
N VAL B 9 14.63 -29.57 -4.70
CA VAL B 9 13.27 -29.46 -5.20
C VAL B 9 12.31 -30.39 -4.44
N ARG B 10 11.30 -29.80 -3.79
CA ARG B 10 10.25 -30.55 -3.11
C ARG B 10 8.98 -30.55 -3.95
N THR B 11 8.41 -31.73 -4.17
CA THR B 11 7.14 -31.86 -4.86
C THR B 11 5.99 -31.74 -3.86
N LEU B 12 5.19 -30.66 -3.96
CA LEU B 12 4.05 -30.46 -3.08
CA LEU B 12 4.05 -30.44 -3.08
C LEU B 12 2.80 -31.03 -3.73
N ARG B 13 2.66 -30.78 -5.04
CA ARG B 13 1.72 -31.55 -5.86
C ARG B 13 2.35 -31.73 -7.24
N ALA B 14 2.59 -32.99 -7.62
CA ALA B 14 3.15 -33.33 -8.91
C ALA B 14 2.16 -32.96 -10.01
N ARG B 15 2.70 -32.44 -11.11
CA ARG B 15 1.90 -32.14 -12.29
C ARG B 15 1.39 -33.45 -12.92
N PRO B 16 0.24 -33.44 -13.61
CA PRO B 16 -0.25 -34.62 -14.31
C PRO B 16 0.79 -35.23 -15.26
N GLU B 17 0.52 -36.50 -15.63
CA GLU B 17 1.41 -37.27 -16.47
C GLU B 17 1.65 -36.56 -17.81
N ALA B 18 0.55 -36.03 -18.38
CA ALA B 18 0.61 -35.16 -19.53
C ALA B 18 -0.34 -33.99 -19.35
N GLY B 19 -0.04 -32.86 -20.01
CA GLY B 19 -0.89 -31.68 -19.96
C GLY B 19 -1.02 -31.11 -18.54
N GLY B 20 -2.23 -30.64 -18.22
CA GLY B 20 -2.53 -30.15 -16.88
C GLY B 20 -2.16 -28.68 -16.69
N LYS B 21 -2.37 -28.18 -15.48
CA LYS B 21 -2.22 -26.76 -15.20
C LYS B 21 -0.75 -26.33 -15.12
N VAL B 22 -0.53 -25.02 -15.21
CA VAL B 22 0.78 -24.42 -15.04
C VAL B 22 1.20 -24.59 -13.59
N PRO B 23 2.40 -25.17 -13.31
CA PRO B 23 2.89 -25.31 -11.94
C PRO B 23 3.17 -23.96 -11.28
N VAL B 24 2.94 -23.92 -9.96
CA VAL B 24 3.34 -22.80 -9.13
C VAL B 24 4.65 -23.19 -8.44
N PHE B 25 5.71 -22.41 -8.69
CA PHE B 25 6.98 -22.62 -8.02
C PHE B 25 7.05 -21.70 -6.80
N VAL B 26 7.30 -22.29 -5.64
CA VAL B 26 7.42 -21.56 -4.39
C VAL B 26 8.84 -21.70 -3.88
N PHE B 27 9.26 -20.73 -3.06
CA PHE B 27 10.63 -20.67 -2.56
C PHE B 27 10.60 -20.54 -1.04
N HIS B 28 11.55 -21.21 -0.38
CA HIS B 28 11.52 -21.41 1.06
C HIS B 28 11.71 -20.07 1.77
N PRO B 29 11.13 -19.91 2.99
CA PRO B 29 11.47 -18.77 3.85
C PRO B 29 12.69 -19.14 4.69
N ALA B 30 13.36 -18.13 5.27
CA ALA B 30 14.48 -18.40 6.17
C ALA B 30 13.98 -19.19 7.37
N GLY B 31 14.62 -20.33 7.63
CA GLY B 31 14.32 -21.17 8.78
C GLY B 31 13.15 -22.13 8.57
N GLY B 32 12.62 -22.17 7.35
CA GLY B 32 11.49 -23.01 7.04
C GLY B 32 11.67 -23.77 5.73
N SER B 33 10.73 -24.70 5.49
CA SER B 33 10.66 -25.46 4.26
C SER B 33 9.47 -24.95 3.45
N THR B 34 9.37 -25.44 2.21
CA THR B 34 8.27 -25.06 1.35
C THR B 34 6.98 -25.81 1.67
N VAL B 35 6.98 -26.65 2.71
CA VAL B 35 5.76 -27.20 3.27
C VAL B 35 4.89 -26.10 3.86
N VAL B 36 5.49 -24.94 4.15
CA VAL B 36 4.74 -23.80 4.67
C VAL B 36 3.71 -23.27 3.67
N TYR B 37 3.86 -23.64 2.39
CA TYR B 37 2.95 -23.21 1.34
C TYR B 37 1.78 -24.16 1.11
N GLU B 38 1.62 -25.17 1.96
CA GLU B 38 0.51 -26.10 1.79
C GLU B 38 -0.84 -25.46 2.08
N PRO B 39 -0.98 -24.58 3.09
CA PRO B 39 -2.23 -23.82 3.27
C PRO B 39 -2.61 -23.00 2.03
N LEU B 40 -1.61 -22.33 1.42
CA LEU B 40 -1.84 -21.61 0.18
C LEU B 40 -2.33 -22.55 -0.90
N LEU B 41 -1.64 -23.68 -1.08
CA LEU B 41 -2.04 -24.67 -2.06
C LEU B 41 -3.50 -25.08 -1.89
N GLY B 42 -3.94 -25.24 -0.64
CA GLY B 42 -5.33 -25.55 -0.33
C GLY B 42 -6.34 -24.50 -0.80
N ARG B 43 -5.85 -23.26 -1.00
CA ARG B 43 -6.67 -22.15 -1.45
C ARG B 43 -6.51 -21.82 -2.94
N LEU B 44 -5.76 -22.66 -3.66
CA LEU B 44 -5.55 -22.51 -5.09
C LEU B 44 -6.42 -23.50 -5.83
N PRO B 45 -6.64 -23.35 -7.16
CA PRO B 45 -7.52 -24.25 -7.90
C PRO B 45 -7.08 -25.70 -7.74
N ALA B 46 -8.07 -26.60 -7.71
CA ALA B 46 -7.80 -28.03 -7.61
C ALA B 46 -6.83 -28.45 -8.70
N ASP B 47 -5.95 -29.40 -8.37
CA ASP B 47 -5.02 -29.99 -9.33
C ASP B 47 -3.97 -29.00 -9.85
N THR B 48 -3.76 -27.89 -9.12
CA THR B 48 -2.66 -26.99 -9.41
C THR B 48 -1.36 -27.64 -8.98
N PRO B 49 -0.40 -27.92 -9.89
CA PRO B 49 0.90 -28.44 -9.47
C PRO B 49 1.63 -27.39 -8.65
N MET B 50 2.46 -27.84 -7.72
CA MET B 50 3.29 -26.93 -6.95
C MET B 50 4.60 -27.63 -6.59
N TYR B 51 5.70 -26.93 -6.88
CA TYR B 51 7.03 -27.42 -6.56
C TYR B 51 7.73 -26.36 -5.71
N GLY B 52 8.43 -26.82 -4.67
CA GLY B 52 9.12 -25.92 -3.75
C GLY B 52 10.64 -25.99 -3.93
N PHE B 53 11.27 -24.81 -3.91
CA PHE B 53 12.71 -24.70 -3.99
C PHE B 53 13.25 -24.45 -2.59
N GLU B 54 14.04 -25.41 -2.09
CA GLU B 54 14.59 -25.34 -0.74
C GLU B 54 15.97 -24.67 -0.78
N ARG B 55 16.57 -24.56 0.41
CA ARG B 55 17.75 -23.76 0.66
C ARG B 55 18.98 -24.19 -0.12
N VAL B 56 19.71 -23.20 -0.66
CA VAL B 56 21.04 -23.39 -1.22
C VAL B 56 21.93 -22.25 -0.74
N GLU B 57 23.24 -22.41 -0.92
CA GLU B 57 24.21 -21.46 -0.41
C GLU B 57 24.45 -20.28 -1.35
N GLY B 58 24.85 -19.16 -0.74
CA GLY B 58 25.41 -18.02 -1.45
C GLY B 58 24.61 -16.75 -1.23
N SER B 59 25.02 -15.68 -1.93
CA SER B 59 24.23 -14.48 -2.05
C SER B 59 22.90 -14.81 -2.72
N ILE B 60 21.95 -13.87 -2.66
CA ILE B 60 20.66 -14.03 -3.30
C ILE B 60 20.87 -14.37 -4.78
N GLU B 61 21.78 -13.63 -5.41
CA GLU B 61 22.06 -13.78 -6.83
C GLU B 61 22.61 -15.17 -7.13
N GLU B 62 23.56 -15.65 -6.30
CA GLU B 62 24.12 -16.98 -6.44
C GLU B 62 23.11 -18.10 -6.23
N ARG B 63 22.11 -17.86 -5.36
CA ARG B 63 21.03 -18.81 -5.15
C ARG B 63 20.16 -18.93 -6.41
N ALA B 64 19.77 -17.78 -6.98
CA ALA B 64 19.00 -17.77 -8.22
C ALA B 64 19.77 -18.37 -9.40
N GLN B 65 21.10 -18.25 -9.40
CA GLN B 65 21.92 -18.89 -10.42
C GLN B 65 21.85 -20.42 -10.40
N GLN B 66 21.57 -20.99 -9.23
CA GLN B 66 21.36 -22.42 -9.08
C GLN B 66 19.92 -22.81 -9.38
N TYR B 67 18.97 -21.98 -8.94
CA TYR B 67 17.55 -22.25 -9.12
C TYR B 67 17.07 -22.15 -10.57
N VAL B 68 17.57 -21.14 -11.30
CA VAL B 68 17.04 -20.83 -12.63
C VAL B 68 17.22 -21.97 -13.63
N PRO B 69 18.43 -22.59 -13.74
CA PRO B 69 18.60 -23.78 -14.58
C PRO B 69 17.64 -24.92 -14.22
N LYS B 70 17.36 -25.11 -12.93
CA LYS B 70 16.45 -26.16 -12.51
C LYS B 70 15.00 -25.84 -12.89
N LEU B 71 14.61 -24.57 -12.75
CA LEU B 71 13.30 -24.11 -13.18
C LEU B 71 13.05 -24.41 -14.66
N ILE B 72 14.06 -24.10 -15.50
CA ILE B 72 13.96 -24.29 -16.93
C ILE B 72 13.95 -25.78 -17.29
N GLU B 73 14.75 -26.57 -16.58
CA GLU B 73 14.72 -28.02 -16.73
C GLU B 73 13.31 -28.54 -16.54
N MET B 74 12.60 -27.97 -15.55
CA MET B 74 11.30 -28.47 -15.15
C MET B 74 10.15 -27.97 -16.01
N GLN B 75 10.22 -26.69 -16.43
CA GLN B 75 9.12 -26.03 -17.11
C GLN B 75 9.46 -25.54 -18.51
N GLY B 76 10.74 -25.59 -18.89
CA GLY B 76 11.18 -25.21 -20.23
C GLY B 76 10.70 -23.85 -20.73
N ASP B 77 9.98 -23.92 -21.86
CA ASP B 77 9.54 -22.77 -22.64
C ASP B 77 8.05 -22.51 -22.46
N GLY B 78 7.52 -22.86 -21.29
CA GLY B 78 6.12 -22.64 -20.95
C GLY B 78 6.00 -21.53 -19.91
N PRO B 79 4.79 -21.17 -19.46
CA PRO B 79 4.64 -20.04 -18.51
C PRO B 79 5.23 -20.32 -17.13
N TYR B 80 5.84 -19.28 -16.54
CA TYR B 80 6.40 -19.35 -15.21
C TYR B 80 5.55 -18.57 -14.22
N VAL B 81 5.22 -19.24 -13.11
CA VAL B 81 4.51 -18.63 -11.99
C VAL B 81 5.41 -18.81 -10.77
N LEU B 82 5.83 -17.68 -10.17
CA LEU B 82 6.82 -17.69 -9.12
C LEU B 82 6.24 -17.01 -7.89
N VAL B 83 6.30 -17.69 -6.74
CA VAL B 83 5.66 -17.22 -5.52
C VAL B 83 6.58 -17.42 -4.33
N GLY B 84 6.61 -16.43 -3.43
CA GLY B 84 7.34 -16.61 -2.19
C GLY B 84 6.91 -15.64 -1.09
N TRP B 85 6.93 -16.16 0.14
CA TRP B 85 6.73 -15.43 1.38
C TRP B 85 8.11 -15.17 2.00
N SER B 86 8.31 -13.95 2.51
CA SER B 86 9.47 -13.64 3.33
C SER B 86 10.69 -13.73 2.41
N LEU B 87 11.79 -14.33 2.86
CA LEU B 87 12.94 -14.58 1.99
C LEU B 87 12.52 -15.20 0.66
N GLY B 88 11.54 -16.12 0.70
CA GLY B 88 11.05 -16.79 -0.50
C GLY B 88 10.57 -15.84 -1.60
N GLY B 89 10.00 -14.69 -1.21
CA GLY B 89 9.60 -13.65 -2.15
C GLY B 89 10.79 -13.04 -2.88
N VAL B 90 11.88 -12.80 -2.15
CA VAL B 90 13.10 -12.26 -2.72
C VAL B 90 13.74 -13.25 -3.70
N LEU B 91 13.72 -14.53 -3.31
CA LEU B 91 14.24 -15.59 -4.17
C LEU B 91 13.41 -15.72 -5.45
N ALA B 92 12.08 -15.67 -5.32
CA ALA B 92 11.17 -15.73 -6.46
C ALA B 92 11.45 -14.61 -7.46
N TYR B 93 11.59 -13.39 -6.94
CA TYR B 93 11.86 -12.22 -7.75
C TYR B 93 13.21 -12.36 -8.46
N ALA B 94 14.23 -12.77 -7.71
CA ALA B 94 15.56 -12.96 -8.29
C ALA B 94 15.52 -13.99 -9.42
N CYS B 95 14.73 -15.05 -9.26
CA CYS B 95 14.54 -16.02 -10.32
C CYS B 95 13.80 -15.45 -11.53
N ALA B 96 12.79 -14.61 -11.27
CA ALA B 96 12.08 -13.93 -12.36
C ALA B 96 13.04 -13.11 -13.23
N ILE B 97 13.95 -12.37 -12.57
CA ILE B 97 14.97 -11.61 -13.27
C ILE B 97 15.81 -12.50 -14.17
N GLY B 98 16.30 -13.61 -13.62
CA GLY B 98 17.16 -14.53 -14.35
C GLY B 98 16.46 -15.17 -15.53
N LEU B 99 15.20 -15.56 -15.31
CA LEU B 99 14.39 -16.19 -16.34
C LEU B 99 14.17 -15.24 -17.52
N ARG B 100 13.91 -13.95 -17.21
CA ARG B 100 13.67 -12.95 -18.24
C ARG B 100 14.90 -12.71 -19.09
N ARG B 101 16.09 -12.68 -18.47
CA ARG B 101 17.33 -12.58 -19.21
C ARG B 101 17.49 -13.70 -20.23
N LEU B 102 16.92 -14.88 -19.94
CA LEU B 102 16.98 -16.02 -20.85
C LEU B 102 15.78 -16.11 -21.79
N GLY B 103 14.95 -15.06 -21.81
CA GLY B 103 13.85 -14.94 -22.75
C GLY B 103 12.60 -15.72 -22.37
N LYS B 104 12.54 -16.17 -21.10
CA LYS B 104 11.44 -17.02 -20.66
C LYS B 104 10.19 -16.20 -20.35
N ASP B 105 9.03 -16.86 -20.47
CA ASP B 105 7.74 -16.21 -20.31
C ASP B 105 7.30 -16.31 -18.85
N VAL B 106 7.65 -15.27 -18.06
CA VAL B 106 7.22 -15.16 -16.68
C VAL B 106 5.90 -14.40 -16.65
N ARG B 107 4.84 -15.06 -16.18
CA ARG B 107 3.49 -14.51 -16.25
C ARG B 107 2.96 -14.02 -14.91
N PHE B 108 3.49 -14.55 -13.80
CA PHE B 108 3.08 -14.10 -12.48
C PHE B 108 4.23 -14.20 -11.47
N VAL B 109 4.47 -13.11 -10.74
CA VAL B 109 5.33 -13.11 -9.56
C VAL B 109 4.49 -12.67 -8.37
N GLY B 110 4.35 -13.56 -7.39
CA GLY B 110 3.55 -13.32 -6.20
C GLY B 110 4.43 -13.20 -4.96
N LEU B 111 4.51 -11.99 -4.41
CA LEU B 111 5.32 -11.69 -3.24
C LEU B 111 4.41 -11.60 -2.03
N ILE B 112 4.56 -12.54 -1.09
CA ILE B 112 3.71 -12.55 0.09
C ILE B 112 4.45 -11.79 1.19
N ASP B 113 4.09 -10.51 1.34
CA ASP B 113 4.65 -9.57 2.28
C ASP B 113 6.18 -9.61 2.37
N ALA B 114 6.83 -9.74 1.21
CA ALA B 114 8.27 -9.62 1.12
C ALA B 114 8.58 -8.14 0.95
N VAL B 115 8.82 -7.46 2.09
CA VAL B 115 8.79 -6.01 2.15
C VAL B 115 10.14 -5.44 2.60
N ARG B 116 10.62 -4.45 1.84
CA ARG B 116 11.91 -3.82 2.12
C ARG B 116 11.89 -3.10 3.46
N ALA B 117 13.04 -3.11 4.12
CA ALA B 117 13.26 -2.28 5.30
C ALA B 117 13.01 -0.81 4.95
N GLY B 118 12.52 -0.06 5.94
CA GLY B 118 12.21 1.35 5.79
C GLY B 118 13.43 2.20 5.43
N GLU B 119 14.62 1.70 5.77
CA GLU B 119 15.87 2.28 5.26
C GLU B 119 16.88 1.16 5.05
N GLU B 120 17.90 1.46 4.24
CA GLU B 120 18.96 0.51 3.91
C GLU B 120 19.76 0.12 5.15
N ILE B 121 20.20 -1.14 5.18
CA ILE B 121 20.97 -1.66 6.30
C ILE B 121 22.42 -1.27 6.05
N PRO B 122 23.04 -0.41 6.89
CA PRO B 122 24.44 -0.03 6.72
C PRO B 122 25.35 -1.26 6.78
N GLN B 123 26.36 -1.26 5.91
CA GLN B 123 27.35 -2.32 5.86
C GLN B 123 28.64 -1.75 6.44
N THR B 124 28.59 -1.41 7.73
CA THR B 124 29.67 -0.72 8.42
C THR B 124 30.03 -1.44 9.70
N LYS B 125 31.25 -1.18 10.18
CA LYS B 125 31.74 -1.74 11.42
C LYS B 125 30.87 -1.26 12.59
N GLU B 126 30.49 0.02 12.56
CA GLU B 126 29.58 0.59 13.55
C GLU B 126 28.28 -0.20 13.66
N GLU B 127 27.69 -0.54 12.50
CA GLU B 127 26.44 -1.28 12.48
C GLU B 127 26.61 -2.71 12.99
N ILE B 128 27.74 -3.36 12.65
CA ILE B 128 28.05 -4.68 13.19
C ILE B 128 28.11 -4.61 14.72
N ARG B 129 28.85 -3.64 15.25
CA ARG B 129 28.92 -3.44 16.70
CA ARG B 129 28.92 -3.47 16.70
C ARG B 129 27.51 -3.28 17.29
N LYS B 130 26.73 -2.35 16.72
CA LYS B 130 25.41 -2.04 17.23
C LYS B 130 24.46 -3.25 17.23
N ARG B 131 24.51 -4.02 16.15
CA ARG B 131 23.66 -5.18 15.96
C ARG B 131 23.88 -6.25 17.03
N TRP B 132 25.14 -6.62 17.23
CA TRP B 132 25.49 -7.68 18.17
C TRP B 132 25.34 -7.24 19.63
N ASP B 133 25.54 -5.94 19.90
CA ASP B 133 25.18 -5.39 21.20
C ASP B 133 23.70 -5.57 21.49
N ARG B 134 22.85 -5.25 20.51
CA ARG B 134 21.41 -5.44 20.66
C ARG B 134 21.07 -6.90 20.96
N TYR B 135 21.63 -7.82 20.16
CA TYR B 135 21.38 -9.24 20.31
C TYR B 135 21.82 -9.79 21.66
N ALA B 136 23.01 -9.36 22.11
CA ALA B 136 23.54 -9.78 23.40
C ALA B 136 22.61 -9.34 24.54
N ALA B 137 22.17 -8.08 24.50
CA ALA B 137 21.28 -7.53 25.50
C ALA B 137 19.93 -8.26 25.52
N PHE B 138 19.42 -8.60 24.32
CA PHE B 138 18.19 -9.36 24.20
C PHE B 138 18.36 -10.78 24.74
N ALA B 139 19.53 -11.40 24.51
CA ALA B 139 19.81 -12.74 25.00
C ALA B 139 19.85 -12.82 26.53
N GLU B 140 20.25 -11.72 27.18
CA GLU B 140 20.22 -11.64 28.63
C GLU B 140 18.82 -11.84 29.18
N LYS B 141 17.86 -11.05 28.66
CA LYS B 141 16.47 -11.02 29.11
C LYS B 141 16.15 -11.94 30.28
N PRO B 148 29.28 -13.87 27.84
CA PRO B 148 29.21 -12.73 26.92
C PRO B 148 30.30 -11.69 27.19
N ALA B 149 30.82 -11.09 26.12
CA ALA B 149 31.73 -9.95 26.17
C ALA B 149 32.34 -9.76 24.78
N ILE B 150 31.74 -8.88 23.98
CA ILE B 150 31.96 -8.87 22.53
C ILE B 150 33.32 -8.28 22.14
N PRO B 151 34.28 -9.09 21.63
CA PRO B 151 35.54 -8.54 21.13
C PRO B 151 35.34 -7.96 19.73
N TYR B 152 34.88 -6.71 19.69
CA TYR B 152 34.44 -6.05 18.47
C TYR B 152 35.49 -6.04 17.35
N GLU B 153 36.75 -5.84 17.73
CA GLU B 153 37.83 -5.64 16.79
C GLU B 153 37.97 -6.80 15.80
N GLN B 154 37.77 -8.03 16.29
CA GLN B 154 37.76 -9.20 15.44
C GLN B 154 36.41 -9.35 14.74
N LEU B 155 35.34 -9.04 15.46
CA LEU B 155 33.99 -9.18 14.94
C LEU B 155 33.70 -8.29 13.72
N GLU B 156 34.12 -7.03 13.80
CA GLU B 156 33.74 -6.03 12.80
C GLU B 156 34.43 -6.21 11.45
N GLU B 157 35.47 -7.05 11.40
CA GLU B 157 36.18 -7.39 10.18
C GLU B 157 35.66 -8.65 9.48
N LEU B 158 34.56 -9.23 10.00
CA LEU B 158 33.98 -10.45 9.45
C LEU B 158 32.68 -10.14 8.71
N ASP B 159 32.36 -10.96 7.70
CA ASP B 159 31.07 -10.92 7.05
C ASP B 159 30.04 -11.57 7.97
N ASP B 160 28.78 -11.67 7.50
CA ASP B 160 27.69 -12.12 8.35
C ASP B 160 27.94 -13.55 8.84
N GLU B 161 28.44 -14.41 7.94
CA GLU B 161 28.77 -15.78 8.25
C GLU B 161 29.78 -15.87 9.40
N GLY B 162 30.91 -15.17 9.22
CA GLY B 162 31.98 -15.18 10.22
C GLY B 162 31.55 -14.58 11.56
N GLN B 163 30.75 -13.52 11.48
CA GLN B 163 30.20 -12.87 12.65
C GLN B 163 29.43 -13.85 13.53
N VAL B 164 28.49 -14.60 12.92
CA VAL B 164 27.60 -15.45 13.70
C VAL B 164 28.38 -16.61 14.33
N ARG B 165 29.34 -17.18 13.58
CA ARG B 165 30.18 -18.25 14.11
C ARG B 165 31.08 -17.75 15.23
N PHE B 166 31.66 -16.56 15.07
CA PHE B 166 32.48 -15.98 16.12
C PHE B 166 31.67 -15.77 17.40
N VAL B 167 30.44 -15.26 17.26
CA VAL B 167 29.59 -14.99 18.42
C VAL B 167 29.09 -16.28 19.07
N LEU B 168 28.67 -17.26 18.26
CA LEU B 168 28.30 -18.58 18.75
C LEU B 168 29.44 -19.29 19.49
N ASP B 169 30.68 -19.07 19.03
CA ASP B 169 31.86 -19.60 19.68
C ASP B 169 32.11 -18.92 21.02
N ALA B 170 31.84 -17.60 21.09
CA ALA B 170 32.02 -16.86 22.32
C ALA B 170 31.03 -17.35 23.38
N VAL B 171 29.78 -17.53 22.95
CA VAL B 171 28.72 -18.05 23.81
C VAL B 171 29.03 -19.46 24.33
N SER B 172 29.46 -20.34 23.42
CA SER B 172 29.78 -21.71 23.74
C SER B 172 30.90 -21.81 24.79
N GLN B 173 31.99 -21.07 24.55
CA GLN B 173 33.14 -21.10 25.45
C GLN B 173 32.86 -20.41 26.78
N SER B 174 31.83 -19.54 26.81
CA SER B 174 31.41 -18.88 28.04
C SER B 174 30.55 -19.75 28.95
N GLY B 175 30.09 -20.90 28.42
CA GLY B 175 29.40 -21.89 29.24
C GLY B 175 28.01 -22.29 28.75
N VAL B 176 27.35 -21.41 28.01
CA VAL B 176 25.97 -21.65 27.58
C VAL B 176 25.93 -22.67 26.44
N GLN B 177 25.28 -23.81 26.69
CA GLN B 177 25.26 -24.91 25.75
C GLN B 177 23.86 -25.10 25.18
N ILE B 178 23.71 -24.77 23.89
CA ILE B 178 22.51 -25.09 23.11
C ILE B 178 22.77 -26.34 22.29
N PRO B 179 21.77 -27.25 22.10
CA PRO B 179 21.96 -28.39 21.20
C PRO B 179 22.47 -27.96 19.84
N ALA B 180 23.49 -28.66 19.33
CA ALA B 180 24.15 -28.30 18.09
C ALA B 180 23.16 -28.19 16.93
N GLY B 181 22.15 -29.09 16.91
CA GLY B 181 21.11 -29.07 15.89
C GLY B 181 20.30 -27.78 15.87
N ILE B 182 20.01 -27.24 17.05
CA ILE B 182 19.32 -25.96 17.16
C ILE B 182 20.24 -24.81 16.79
N ILE B 183 21.47 -24.83 17.27
CA ILE B 183 22.47 -23.85 16.85
C ILE B 183 22.50 -23.75 15.33
N GLU B 184 22.62 -24.91 14.65
CA GLU B 184 22.76 -24.92 13.20
C GLU B 184 21.52 -24.40 12.46
N HIS B 185 20.33 -24.80 12.91
CA HIS B 185 19.10 -24.30 12.33
C HIS B 185 18.98 -22.78 12.50
N GLN B 186 19.34 -22.27 13.68
CA GLN B 186 19.27 -20.84 13.95
C GLN B 186 20.36 -20.07 13.19
N ARG B 187 21.54 -20.66 13.05
CA ARG B 187 22.63 -20.05 12.30
C ARG B 187 22.24 -19.76 10.85
N THR B 188 21.76 -20.80 10.15
CA THR B 188 21.44 -20.69 8.76
C THR B 188 20.21 -19.79 8.56
N SER B 189 19.21 -19.94 9.44
CA SER B 189 18.06 -19.05 9.42
C SER B 189 18.49 -17.59 9.52
N TYR B 190 19.36 -17.29 10.49
CA TYR B 190 19.88 -15.94 10.66
C TYR B 190 20.59 -15.42 9.40
N LEU B 191 21.50 -16.22 8.85
CA LEU B 191 22.25 -15.84 7.67
C LEU B 191 21.37 -15.73 6.42
N ASP B 192 20.39 -16.62 6.29
CA ASP B 192 19.48 -16.57 5.15
C ASP B 192 18.68 -15.27 5.09
N ASN B 193 18.20 -14.80 6.24
CA ASN B 193 17.54 -13.51 6.32
C ASN B 193 18.50 -12.33 6.11
N ARG B 194 19.74 -12.43 6.61
CA ARG B 194 20.72 -11.37 6.44
C ARG B 194 21.18 -11.20 4.99
N ALA B 195 21.14 -12.29 4.22
CA ALA B 195 21.56 -12.27 2.84
C ALA B 195 20.73 -11.26 2.05
N ILE B 196 19.49 -11.04 2.49
CA ILE B 196 18.58 -10.08 1.87
C ILE B 196 19.10 -8.64 1.90
N ASP B 197 19.83 -8.26 2.95
CA ASP B 197 20.24 -6.88 3.17
C ASP B 197 21.09 -6.31 2.04
N THR B 198 21.85 -7.18 1.36
CA THR B 198 22.71 -6.77 0.26
C THR B 198 22.27 -7.40 -1.07
N ALA B 199 21.00 -7.78 -1.17
CA ALA B 199 20.46 -8.25 -2.43
C ALA B 199 20.61 -7.15 -3.48
N GLN B 200 20.99 -7.55 -4.70
CA GLN B 200 21.13 -6.63 -5.83
C GLN B 200 19.83 -6.70 -6.63
N ILE B 201 18.80 -5.98 -6.17
CA ILE B 201 17.51 -6.01 -6.82
C ILE B 201 17.54 -5.20 -8.11
N GLN B 202 17.19 -5.88 -9.23
CA GLN B 202 17.14 -5.27 -10.54
C GLN B 202 15.70 -4.93 -10.95
N PRO B 203 15.48 -3.98 -11.88
CA PRO B 203 14.12 -3.73 -12.38
C PRO B 203 13.58 -4.93 -13.15
N TYR B 204 12.26 -5.15 -13.04
CA TYR B 204 11.59 -6.27 -13.65
C TYR B 204 10.48 -5.77 -14.56
N ASP B 205 10.36 -6.37 -15.75
CA ASP B 205 9.48 -5.87 -16.81
C ASP B 205 8.08 -6.48 -16.82
N GLY B 206 7.79 -7.41 -15.89
CA GLY B 206 6.52 -8.09 -15.87
C GLY B 206 5.63 -7.76 -14.67
N HIS B 207 4.55 -8.54 -14.55
CA HIS B 207 3.55 -8.35 -13.52
C HIS B 207 4.04 -8.91 -12.18
N VAL B 208 3.89 -8.09 -11.13
CA VAL B 208 4.14 -8.54 -9.77
C VAL B 208 2.91 -8.18 -8.95
N THR B 209 2.40 -9.15 -8.18
CA THR B 209 1.47 -8.87 -7.09
C THR B 209 2.23 -8.96 -5.76
N LEU B 210 2.20 -7.86 -4.99
CA LEU B 210 2.66 -7.85 -3.62
C LEU B 210 1.45 -7.97 -2.68
N TYR B 211 1.36 -9.08 -1.94
CA TYR B 211 0.35 -9.24 -0.91
C TYR B 211 0.86 -8.57 0.36
N MET B 212 0.24 -7.43 0.70
CA MET B 212 0.81 -6.47 1.63
C MET B 212 0.14 -6.54 2.99
N ALA B 213 0.87 -7.07 3.97
CA ALA B 213 0.44 -7.10 5.36
C ALA B 213 0.48 -5.66 5.87
N ASP B 214 -0.03 -5.43 7.08
CA ASP B 214 0.01 -4.12 7.67
C ASP B 214 1.39 -3.76 8.23
N ARG B 215 2.11 -4.76 8.78
CA ARG B 215 3.36 -4.51 9.47
C ARG B 215 4.20 -5.77 9.67
N TYR B 216 5.50 -5.56 9.93
CA TYR B 216 6.36 -6.62 10.41
C TYR B 216 6.04 -6.89 11.89
N HIS B 217 6.00 -8.18 12.23
CA HIS B 217 5.85 -8.64 13.60
C HIS B 217 7.08 -8.25 14.41
N ASP B 218 6.93 -8.26 15.75
CA ASP B 218 7.97 -7.75 16.64
C ASP B 218 9.30 -8.49 16.56
N ASP B 219 9.28 -9.80 16.31
CA ASP B 219 10.51 -10.57 16.26
C ASP B 219 11.38 -10.14 15.08
N ALA B 220 10.76 -9.80 13.96
CA ALA B 220 11.48 -9.33 12.78
C ALA B 220 12.13 -7.98 13.04
N ILE B 221 11.43 -7.15 13.82
CA ILE B 221 11.92 -5.83 14.22
C ILE B 221 13.08 -5.95 15.19
N MET B 222 13.03 -6.94 16.10
CA MET B 222 14.14 -7.22 17.00
C MET B 222 15.36 -7.75 16.23
N PHE B 223 15.13 -8.61 15.24
CA PHE B 223 16.17 -9.06 14.33
C PHE B 223 16.80 -7.89 13.58
N GLU B 224 15.96 -7.02 13.03
CA GLU B 224 16.40 -5.83 12.31
C GLU B 224 15.44 -4.67 12.51
N PRO B 225 15.79 -3.67 13.37
CA PRO B 225 14.88 -2.56 13.70
C PRO B 225 14.32 -1.77 12.53
N ARG B 226 15.07 -1.69 11.42
CA ARG B 226 14.63 -0.92 10.27
C ARG B 226 13.40 -1.51 9.59
N TYR B 227 12.99 -2.72 9.99
CA TYR B 227 11.72 -3.29 9.54
C TYR B 227 10.52 -2.70 10.28
N ALA B 228 10.78 -1.84 11.27
CA ALA B 228 9.74 -1.12 11.98
C ALA B 228 8.94 -0.19 11.07
N VAL B 229 9.60 0.32 10.02
CA VAL B 229 9.00 1.22 9.05
C VAL B 229 8.90 0.52 7.69
N ARG B 230 7.73 0.63 7.04
CA ARG B 230 7.54 0.12 5.69
C ARG B 230 6.79 1.15 4.85
N GLN B 231 7.06 1.13 3.54
CA GLN B 231 6.41 2.03 2.60
C GLN B 231 5.19 1.33 2.01
N PRO B 232 4.16 2.08 1.54
CA PRO B 232 2.98 1.46 0.93
C PRO B 232 3.26 0.43 -0.17
N ASP B 233 4.33 0.64 -0.94
CA ASP B 233 4.69 -0.25 -2.03
C ASP B 233 5.68 -1.35 -1.64
N GLY B 234 6.08 -1.38 -0.36
CA GLY B 234 7.09 -2.31 0.12
C GLY B 234 8.47 -2.18 -0.55
N GLY B 235 8.75 -1.00 -1.11
CA GLY B 235 10.01 -0.72 -1.79
C GLY B 235 10.09 -1.12 -3.25
N TRP B 236 9.02 -1.75 -3.78
CA TRP B 236 9.05 -2.40 -5.08
C TRP B 236 8.75 -1.46 -6.24
N GLY B 237 8.13 -0.31 -5.94
CA GLY B 237 7.68 0.65 -6.94
C GLY B 237 8.76 1.06 -7.93
N GLU B 238 9.97 1.37 -7.44
CA GLU B 238 11.02 1.83 -8.32
C GLU B 238 11.60 0.74 -9.21
N TYR B 239 11.33 -0.52 -8.86
CA TYR B 239 11.81 -1.67 -9.62
C TYR B 239 10.75 -2.27 -10.55
N VAL B 240 9.47 -2.11 -10.20
CA VAL B 240 8.39 -2.81 -10.88
C VAL B 240 7.35 -1.80 -11.34
N SER B 241 7.32 -1.54 -12.65
CA SER B 241 6.34 -0.67 -13.24
C SER B 241 4.93 -1.25 -13.12
N ASP B 242 4.81 -2.55 -13.46
CA ASP B 242 3.53 -3.24 -13.43
C ASP B 242 3.32 -3.92 -12.06
N LEU B 243 3.19 -3.09 -11.02
CA LEU B 243 3.06 -3.56 -9.64
C LEU B 243 1.63 -3.40 -9.17
N GLU B 244 1.05 -4.52 -8.71
CA GLU B 244 -0.25 -4.54 -8.09
C GLU B 244 -0.05 -4.90 -6.62
N VAL B 245 -0.70 -4.16 -5.72
CA VAL B 245 -0.69 -4.49 -4.31
C VAL B 245 -2.07 -4.98 -3.88
N VAL B 246 -2.10 -6.12 -3.20
CA VAL B 246 -3.30 -6.65 -2.58
C VAL B 246 -3.15 -6.55 -1.06
N PRO B 247 -3.81 -5.57 -0.38
CA PRO B 247 -3.74 -5.48 1.07
C PRO B 247 -4.42 -6.69 1.74
N ILE B 248 -3.70 -7.29 2.70
CA ILE B 248 -4.21 -8.45 3.43
C ILE B 248 -4.27 -8.23 4.94
N GLY B 249 -3.73 -7.11 5.43
CA GLY B 249 -3.77 -6.79 6.84
C GLY B 249 -2.86 -7.67 7.68
N GLY B 250 -2.92 -7.49 9.00
CA GLY B 250 -2.18 -8.32 9.94
C GLY B 250 -0.66 -8.18 9.82
N GLU B 251 0.06 -9.17 10.35
CA GLU B 251 1.51 -9.12 10.47
C GLU B 251 2.17 -10.08 9.50
N HIS B 252 3.43 -9.80 9.18
CA HIS B 252 4.22 -10.61 8.25
C HIS B 252 4.09 -12.10 8.56
N ILE B 253 4.37 -12.46 9.83
CA ILE B 253 4.37 -13.85 10.26
C ILE B 253 3.07 -14.60 9.99
N GLN B 254 1.94 -13.89 10.06
CA GLN B 254 0.62 -14.48 9.86
C GLN B 254 0.19 -14.58 8.38
N ALA B 255 0.93 -13.91 7.49
CA ALA B 255 0.52 -13.78 6.10
C ALA B 255 0.41 -15.12 5.37
N ILE B 256 1.23 -16.08 5.81
CA ILE B 256 1.36 -17.38 5.17
C ILE B 256 0.32 -18.39 5.65
N ASP B 257 -0.39 -18.07 6.74
CA ASP B 257 -1.33 -18.98 7.36
C ASP B 257 -2.78 -18.55 7.20
N GLU B 258 -3.68 -19.51 7.43
CA GLU B 258 -5.10 -19.24 7.60
C GLU B 258 -5.28 -18.30 8.80
N PRO B 259 -6.29 -17.40 8.81
CA PRO B 259 -7.22 -17.21 7.69
C PRO B 259 -6.76 -16.28 6.57
N ILE B 260 -5.70 -15.50 6.80
CA ILE B 260 -5.23 -14.50 5.85
C ILE B 260 -4.88 -15.09 4.48
N ILE B 261 -4.32 -16.31 4.46
CA ILE B 261 -3.87 -16.92 3.22
C ILE B 261 -5.03 -17.19 2.26
N ALA B 262 -6.26 -17.29 2.80
CA ALA B 262 -7.46 -17.37 1.99
C ALA B 262 -7.62 -16.18 1.05
N LYS B 263 -7.25 -14.99 1.54
CA LYS B 263 -7.34 -13.77 0.75
C LYS B 263 -6.29 -13.77 -0.36
N VAL B 264 -5.07 -14.20 -0.02
CA VAL B 264 -4.00 -14.39 -0.98
C VAL B 264 -4.43 -15.39 -2.07
N GLY B 265 -4.94 -16.55 -1.64
CA GLY B 265 -5.25 -17.64 -2.54
C GLY B 265 -6.41 -17.32 -3.49
N GLU B 266 -7.42 -16.62 -2.96
CA GLU B 266 -8.57 -16.22 -3.74
C GLU B 266 -8.17 -15.29 -4.89
N HIS B 267 -7.28 -14.34 -4.61
CA HIS B 267 -6.76 -13.42 -5.61
C HIS B 267 -5.86 -14.16 -6.61
N MET B 268 -4.93 -14.97 -6.08
CA MET B 268 -3.95 -15.67 -6.89
C MET B 268 -4.63 -16.71 -7.79
N SER B 269 -5.73 -17.29 -7.30
CA SER B 269 -6.55 -18.22 -8.07
C SER B 269 -7.11 -17.60 -9.34
N ARG B 270 -7.56 -16.34 -9.25
CA ARG B 270 -8.05 -15.63 -10.43
C ARG B 270 -6.93 -15.40 -11.45
N ALA B 271 -5.75 -14.98 -10.97
CA ALA B 271 -4.60 -14.80 -11.84
C ALA B 271 -4.24 -16.10 -12.55
N LEU B 272 -4.24 -17.21 -11.81
CA LEU B 272 -3.93 -18.51 -12.40
C LEU B 272 -4.99 -18.89 -13.42
N GLY B 273 -6.28 -18.66 -13.09
CA GLY B 273 -7.37 -18.90 -14.01
C GLY B 273 -7.26 -18.15 -15.33
N GLN B 274 -6.79 -16.90 -15.27
CA GLN B 274 -6.55 -16.11 -16.47
C GLN B 274 -5.41 -16.69 -17.29
N ILE B 275 -4.34 -17.14 -16.62
CA ILE B 275 -3.23 -17.78 -17.31
C ILE B 275 -3.67 -19.05 -18.03
N GLU B 276 -4.53 -19.84 -17.38
CA GLU B 276 -5.02 -21.08 -17.95
C GLU B 276 -5.95 -20.87 -19.14
N ALA B 277 -6.80 -19.84 -19.06
CA ALA B 277 -7.67 -19.47 -20.16
C ALA B 277 -6.86 -19.04 -21.37
N ASP B 278 -5.81 -18.22 -21.15
CA ASP B 278 -4.97 -17.70 -22.21
C ASP B 278 -4.22 -18.77 -22.99
N ARG B 279 -3.91 -19.90 -22.34
CA ARG B 279 -3.22 -20.99 -23.00
C ARG B 279 -4.13 -21.74 -23.99
#